data_5IL6
#
_entry.id   5IL6
#
_cell.length_a   50.480
_cell.length_b   105.080
_cell.length_c   68.140
_cell.angle_alpha   90.00
_cell.angle_beta   111.91
_cell.angle_gamma   90.00
#
_symmetry.space_group_name_H-M   'P 1 21 1'
#
loop_
_entity.id
_entity.type
_entity.pdbx_description
1 polymer 'Polyketide synthase/nonribosomal peptide synthetase hybrid RzxB'
2 water water
#
_entity_poly.entity_id   1
_entity_poly.type   'polypeptide(L)'
_entity_poly.pdbx_seq_one_letter_code
;SMATAIATGVEHLHPLLHRNVSDLRGLRYLSRFSGDESVLAEHRVNGQAVLAGAAMIVMIQAALTDALGGAVPAGRGLVI
SDLSWRQPFSVDAANNGELFLELSMPAAGDYRIGIYAYDQAAQLQLHCQARASTAEVQAAWLDFSSLGAQVVDVEACYQR
FAAMGIEYGAGHRRLLSLVRQGDQALARIALQDPALNSGFALHPALLDAAMQGVMALLLDELEERPALLLPAGLGQCVLL
ADCPASLQVQIRRAPSTAPDYCFDLALFDDQGQCCAILNQLSFQPLTGASLAAGPGANIGLLCHKHWHDARPAPTA
;
_entity_poly.pdbx_strand_id   A,B
#
# COMPACT_ATOMS: atom_id res chain seq x y z
N GLU A 11 9.66 3.27 -2.44
CA GLU A 11 10.04 2.97 -3.81
C GLU A 11 8.82 2.35 -4.50
N HIS A 12 8.75 2.43 -5.83
CA HIS A 12 7.67 1.76 -6.53
C HIS A 12 7.73 0.25 -6.28
N LEU A 13 6.55 -0.37 -6.20
CA LEU A 13 6.49 -1.81 -6.06
C LEU A 13 7.02 -2.51 -7.30
N HIS A 14 6.90 -1.83 -8.45
CA HIS A 14 7.17 -2.38 -9.76
C HIS A 14 7.18 -1.19 -10.71
N PRO A 15 8.01 -1.20 -11.77
CA PRO A 15 8.03 -0.03 -12.67
C PRO A 15 6.66 0.36 -13.22
N LEU A 16 5.74 -0.60 -13.34
CA LEU A 16 4.41 -0.33 -13.86
C LEU A 16 3.32 -0.45 -12.81
N LEU A 17 3.67 -0.73 -11.55
CA LEU A 17 2.71 -0.85 -10.46
C LEU A 17 3.33 -0.09 -9.29
N HIS A 18 2.98 1.19 -9.18
CA HIS A 18 3.74 2.10 -8.33
C HIS A 18 3.41 1.94 -6.85
N ARG A 19 2.13 1.92 -6.50
CA ARG A 19 1.73 2.07 -5.12
C ARG A 19 0.57 1.16 -4.76
N ASN A 20 0.60 0.66 -3.53
CA ASN A 20 -0.48 -0.14 -2.96
C ASN A 20 -1.45 0.78 -2.24
N VAL A 21 -2.71 0.82 -2.71
CA VAL A 21 -3.72 1.68 -2.11
C VAL A 21 -4.90 0.84 -1.63
N SER A 22 -4.62 -0.40 -1.22
CA SER A 22 -5.67 -1.29 -0.75
C SER A 22 -6.34 -0.71 0.50
N ASP A 23 -7.64 -1.00 0.64
CA ASP A 23 -8.39 -0.61 1.83
C ASP A 23 -9.54 -1.60 2.01
N LEU A 24 -10.50 -1.24 2.85
CA LEU A 24 -11.60 -2.15 3.17
C LEU A 24 -12.42 -2.53 1.95
N ARG A 25 -12.42 -1.69 0.92
CA ARG A 25 -13.11 -2.03 -0.32
C ARG A 25 -12.43 -3.18 -1.06
N GLY A 26 -11.16 -3.43 -0.79
CA GLY A 26 -10.44 -4.53 -1.41
C GLY A 26 -9.04 -4.15 -1.83
N LEU A 27 -8.29 -5.12 -2.36
CA LEU A 27 -6.95 -4.85 -2.84
C LEU A 27 -6.99 -3.94 -4.06
N ARG A 28 -6.09 -2.96 -4.08
CA ARG A 28 -6.09 -1.96 -5.14
C ARG A 28 -4.70 -1.34 -5.25
N TYR A 29 -4.35 -0.95 -6.47
CA TYR A 29 -3.02 -0.43 -6.77
C TYR A 29 -3.16 0.78 -7.67
N LEU A 30 -2.15 1.65 -7.62
CA LEU A 30 -2.19 2.92 -8.33
C LEU A 30 -0.83 3.21 -8.93
N SER A 31 -0.81 3.52 -10.22
CA SER A 31 0.38 4.04 -10.89
C SER A 31 0.02 5.38 -11.53
N ARG A 32 0.93 6.35 -11.39
CA ARG A 32 0.75 7.67 -11.98
C ARG A 32 1.84 7.88 -13.01
N PHE A 33 1.44 8.08 -14.26
CA PHE A 33 2.37 8.26 -15.37
C PHE A 33 2.41 9.73 -15.78
N SER A 34 3.59 10.17 -16.22
CA SER A 34 3.76 11.52 -16.73
C SER A 34 3.50 11.62 -18.22
N GLY A 35 3.57 10.51 -18.95
CA GLY A 35 3.52 10.50 -20.39
C GLY A 35 4.87 10.40 -21.07
N ASP A 36 5.95 10.68 -20.33
CA ASP A 36 7.30 10.53 -20.87
C ASP A 36 7.81 9.09 -20.80
N GLU A 37 7.12 8.20 -20.10
CA GLU A 37 7.56 6.82 -20.00
C GLU A 37 7.49 6.12 -21.36
N SER A 38 8.43 5.21 -21.57
CA SER A 38 8.56 4.56 -22.87
C SER A 38 7.28 3.84 -23.27
N VAL A 39 6.59 3.21 -22.32
CA VAL A 39 5.38 2.48 -22.63
C VAL A 39 4.29 3.40 -23.17
N LEU A 40 4.42 4.71 -22.97
CA LEU A 40 3.50 5.68 -23.54
C LEU A 40 4.14 6.46 -24.68
N ALA A 41 5.26 7.13 -24.42
CA ALA A 41 5.85 8.05 -25.39
C ALA A 41 6.32 7.34 -26.65
N GLU A 42 6.76 6.09 -26.53
CA GLU A 42 7.26 5.33 -27.68
C GLU A 42 6.19 4.46 -28.31
N HIS A 43 4.92 4.65 -27.94
CA HIS A 43 3.79 3.91 -28.50
C HIS A 43 2.70 4.93 -28.83
N ARG A 44 2.74 5.48 -30.03
CA ARG A 44 1.83 6.55 -30.42
C ARG A 44 0.81 6.03 -31.43
N VAL A 45 -0.47 6.24 -31.12
CA VAL A 45 -1.57 5.81 -31.98
C VAL A 45 -2.32 7.05 -32.44
N ASN A 46 -2.35 7.27 -33.75
CA ASN A 46 -2.97 8.47 -34.32
C ASN A 46 -2.38 9.72 -33.68
N GLY A 47 -1.08 9.69 -33.40
CA GLY A 47 -0.36 10.83 -32.90
C GLY A 47 -0.34 10.99 -31.39
N GLN A 48 -1.14 10.22 -30.66
CA GLN A 48 -1.23 10.34 -29.21
C GLN A 48 -0.42 9.24 -28.54
N ALA A 49 0.32 9.60 -27.51
CA ALA A 49 1.00 8.62 -26.68
C ALA A 49 -0.04 7.81 -25.92
N VAL A 50 -0.10 6.51 -26.18
CA VAL A 50 -1.11 5.63 -25.61
C VAL A 50 -0.41 4.45 -24.97
N LEU A 51 -0.88 4.04 -23.81
CA LEU A 51 -0.28 2.91 -23.10
C LEU A 51 -0.44 1.65 -23.93
N ALA A 52 0.68 0.99 -24.22
CA ALA A 52 0.64 -0.25 -24.97
C ALA A 52 -0.20 -1.29 -24.23
N GLY A 53 -1.02 -2.02 -24.98
CA GLY A 53 -1.81 -3.08 -24.37
C GLY A 53 -0.98 -4.06 -23.59
N ALA A 54 0.23 -4.36 -24.09
CA ALA A 54 1.12 -5.26 -23.38
C ALA A 54 1.41 -4.77 -21.97
N ALA A 55 1.49 -3.45 -21.79
CA ALA A 55 1.84 -2.91 -20.47
C ALA A 55 0.79 -3.26 -19.43
N MET A 56 -0.48 -3.35 -19.83
CA MET A 56 -1.52 -3.69 -18.87
C MET A 56 -1.41 -5.15 -18.45
N ILE A 57 -0.97 -6.02 -19.35
CA ILE A 57 -0.70 -7.41 -18.98
C ILE A 57 0.39 -7.47 -17.92
N VAL A 58 1.47 -6.71 -18.13
CA VAL A 58 2.56 -6.69 -17.17
C VAL A 58 2.07 -6.15 -15.83
N MET A 59 1.19 -5.15 -15.86
CA MET A 59 0.66 -4.60 -14.61
C MET A 59 -0.14 -5.65 -13.86
N ILE A 60 -0.92 -6.46 -14.56
CA ILE A 60 -1.66 -7.54 -13.91
C ILE A 60 -0.70 -8.54 -13.31
N GLN A 61 0.35 -8.91 -14.05
CA GLN A 61 1.34 -9.86 -13.54
C GLN A 61 2.02 -9.31 -12.28
N ALA A 62 2.41 -8.03 -12.31
CA ALA A 62 3.03 -7.43 -11.13
C ALA A 62 2.08 -7.39 -9.96
N ALA A 63 0.81 -7.02 -10.20
CA ALA A 63 -0.15 -6.92 -9.11
C ALA A 63 -0.40 -8.29 -8.48
N LEU A 64 -0.58 -9.32 -9.32
CA LEU A 64 -0.81 -10.65 -8.78
C LEU A 64 0.39 -11.14 -7.98
N THR A 65 1.60 -10.91 -8.51
CA THR A 65 2.80 -11.34 -7.81
C THR A 65 2.91 -10.68 -6.45
N ASP A 66 2.57 -9.39 -6.36
CA ASP A 66 2.61 -8.71 -5.07
C ASP A 66 1.53 -9.26 -4.13
N ALA A 67 0.31 -9.45 -4.64
CA ALA A 67 -0.77 -9.93 -3.79
C ALA A 67 -0.50 -11.34 -3.27
N LEU A 68 0.31 -12.12 -3.98
CA LEU A 68 0.65 -13.48 -3.55
C LEU A 68 1.84 -13.52 -2.60
N GLY A 69 2.32 -12.37 -2.12
CA GLY A 69 3.42 -12.34 -1.19
C GLY A 69 4.75 -11.94 -1.80
N GLY A 70 4.77 -11.48 -3.06
CA GLY A 70 5.97 -11.08 -3.73
C GLY A 70 6.54 -12.09 -4.71
N ALA A 71 5.98 -13.30 -4.77
CA ALA A 71 6.46 -14.29 -5.73
C ALA A 71 5.37 -15.33 -5.99
N VAL A 72 5.43 -15.91 -7.18
CA VAL A 72 4.56 -17.04 -7.54
C VAL A 72 5.16 -18.27 -6.87
N PRO A 73 4.37 -19.23 -6.38
CA PRO A 73 4.97 -20.38 -5.68
C PRO A 73 5.16 -21.65 -6.51
N ALA A 74 6.18 -22.43 -6.14
CA ALA A 74 6.19 -23.87 -6.32
C ALA A 74 6.03 -24.31 -7.78
N GLY A 75 6.96 -23.87 -8.61
CA GLY A 75 6.98 -24.37 -9.98
C GLY A 75 5.68 -24.19 -10.72
N ARG A 76 4.92 -23.16 -10.38
CA ARG A 76 3.63 -22.89 -10.99
C ARG A 76 3.78 -21.65 -11.88
N GLY A 77 2.79 -21.44 -12.74
CA GLY A 77 2.77 -20.30 -13.63
C GLY A 77 1.63 -19.35 -13.33
N LEU A 78 1.86 -18.08 -13.64
CA LEU A 78 0.82 -17.06 -13.52
C LEU A 78 -0.01 -17.08 -14.80
N VAL A 79 -1.31 -17.32 -14.65
CA VAL A 79 -2.22 -17.46 -15.80
C VAL A 79 -3.21 -16.31 -15.75
N ILE A 80 -3.28 -15.56 -16.85
CA ILE A 80 -4.29 -14.53 -17.05
C ILE A 80 -5.21 -15.02 -18.15
N SER A 81 -6.52 -14.94 -17.92
CA SER A 81 -7.49 -15.54 -18.81
C SER A 81 -8.60 -14.55 -19.13
N ASP A 82 -9.15 -14.68 -20.35
CA ASP A 82 -10.30 -13.90 -20.79
C ASP A 82 -10.09 -12.42 -20.54
N LEU A 83 -8.95 -11.92 -21.02
CA LEU A 83 -8.64 -10.51 -20.93
C LEU A 83 -9.26 -9.76 -22.10
N SER A 84 -9.76 -8.57 -21.82
CA SER A 84 -10.27 -7.69 -22.86
C SER A 84 -9.71 -6.29 -22.63
N TRP A 85 -9.27 -5.67 -23.72
CA TRP A 85 -8.89 -4.27 -23.73
C TRP A 85 -10.08 -3.45 -24.20
N ARG A 86 -10.41 -2.40 -23.45
CA ARG A 86 -11.50 -1.53 -23.84
C ARG A 86 -10.93 -0.26 -24.46
N GLN A 87 -10.98 0.84 -23.73
CA GLN A 87 -10.50 2.09 -24.29
C GLN A 87 -8.99 2.20 -24.10
N PRO A 88 -8.28 2.85 -25.01
CA PRO A 88 -6.86 3.10 -24.78
C PRO A 88 -6.69 4.11 -23.67
N PHE A 89 -5.55 4.03 -22.98
CA PHE A 89 -5.24 4.94 -21.89
C PHE A 89 -4.19 5.94 -22.34
N SER A 90 -4.50 7.23 -22.18
CA SER A 90 -3.54 8.30 -22.37
C SER A 90 -3.56 9.20 -21.15
N VAL A 91 -2.43 9.83 -20.89
CA VAL A 91 -2.30 10.76 -19.77
C VAL A 91 -2.89 12.11 -20.17
N ASP A 92 -3.80 12.62 -19.34
CA ASP A 92 -4.33 13.96 -19.55
C ASP A 92 -4.59 14.60 -18.20
N ALA A 93 -4.95 15.88 -18.24
CA ALA A 93 -5.22 16.62 -17.00
C ALA A 93 -6.37 15.99 -16.22
N ALA A 94 -7.31 15.36 -16.90
CA ALA A 94 -8.47 14.79 -16.21
C ALA A 94 -8.08 13.65 -15.27
N ASN A 95 -7.29 12.70 -15.77
CA ASN A 95 -6.90 11.56 -14.96
C ASN A 95 -5.60 11.79 -14.21
N ASN A 96 -4.89 12.87 -14.51
CA ASN A 96 -3.64 13.18 -13.82
C ASN A 96 -2.63 12.04 -13.98
N GLY A 97 -2.78 11.27 -15.05
CA GLY A 97 -1.91 10.14 -15.30
C GLY A 97 -2.16 8.95 -14.41
N GLU A 98 -3.25 8.94 -13.66
CA GLU A 98 -3.48 7.92 -12.64
C GLU A 98 -4.25 6.75 -13.24
N LEU A 99 -3.69 5.55 -13.10
CA LEU A 99 -4.30 4.31 -13.57
C LEU A 99 -4.42 3.36 -12.39
N PHE A 100 -5.65 2.95 -12.08
CA PHE A 100 -5.92 2.08 -10.94
C PHE A 100 -6.09 0.63 -11.40
N LEU A 101 -5.70 -0.29 -10.53
CA LEU A 101 -5.91 -1.72 -10.75
C LEU A 101 -6.58 -2.29 -9.51
N GLU A 102 -7.76 -2.88 -9.69
CA GLU A 102 -8.50 -3.52 -8.60
C GLU A 102 -8.38 -5.03 -8.72
N LEU A 103 -8.08 -5.68 -7.60
CA LEU A 103 -7.88 -7.13 -7.55
C LEU A 103 -8.80 -7.71 -6.50
N SER A 104 -9.63 -8.67 -6.89
CA SER A 104 -10.52 -9.37 -5.98
C SER A 104 -10.39 -10.86 -6.18
N MET A 105 -10.92 -11.62 -5.23
CA MET A 105 -10.86 -13.08 -5.25
C MET A 105 -12.22 -13.61 -4.83
N PRO A 106 -13.20 -13.61 -5.76
CA PRO A 106 -14.54 -14.09 -5.38
C PRO A 106 -14.56 -15.53 -4.93
N ALA A 107 -13.61 -16.35 -5.38
CA ALA A 107 -13.49 -17.73 -4.93
C ALA A 107 -12.00 -18.08 -4.81
N ALA A 108 -11.72 -19.09 -4.00
CA ALA A 108 -10.34 -19.48 -3.73
C ALA A 108 -9.57 -19.69 -5.03
N GLY A 109 -8.45 -18.98 -5.17
CA GLY A 109 -7.61 -19.11 -6.34
C GLY A 109 -8.19 -18.55 -7.61
N ASP A 110 -9.34 -17.88 -7.55
CA ASP A 110 -10.01 -17.32 -8.72
C ASP A 110 -10.00 -15.80 -8.57
N TYR A 111 -9.09 -15.15 -9.29
CA TYR A 111 -8.87 -13.71 -9.16
C TYR A 111 -9.52 -12.94 -10.31
N ARG A 112 -10.03 -11.76 -10.00
CA ARG A 112 -10.65 -10.87 -10.98
C ARG A 112 -9.93 -9.53 -10.93
N ILE A 113 -9.62 -8.98 -12.11
CA ILE A 113 -8.88 -7.73 -12.21
C ILE A 113 -9.64 -6.75 -13.08
N GLY A 114 -9.63 -5.49 -12.66
CA GLY A 114 -10.06 -4.40 -13.52
C GLY A 114 -9.08 -3.25 -13.45
N ILE A 115 -8.80 -2.66 -14.60
CA ILE A 115 -7.90 -1.51 -14.71
C ILE A 115 -8.72 -0.35 -15.25
N TYR A 116 -8.67 0.79 -14.56
CA TYR A 116 -9.55 1.90 -14.91
C TYR A 116 -8.91 3.23 -14.53
N ALA A 117 -9.51 4.29 -15.03
CA ALA A 117 -9.08 5.66 -14.78
C ALA A 117 -10.29 6.57 -14.92
N TYR A 118 -10.15 7.80 -14.42
CA TYR A 118 -11.27 8.73 -14.41
C TYR A 118 -11.11 9.76 -15.53
N ASP A 119 -12.23 10.12 -16.15
CA ASP A 119 -12.24 11.06 -17.26
C ASP A 119 -12.52 12.47 -16.73
N GLN A 120 -12.57 13.46 -17.64
CA GLN A 120 -12.93 14.81 -17.26
C GLN A 120 -14.26 14.88 -16.53
N ALA A 121 -15.20 14.00 -16.86
CA ALA A 121 -16.53 14.03 -16.26
C ALA A 121 -16.59 13.43 -14.87
N ALA A 122 -15.48 12.99 -14.29
CA ALA A 122 -15.44 12.28 -13.03
C ALA A 122 -16.02 10.88 -13.17
N GLN A 123 -16.19 10.42 -14.41
CA GLN A 123 -16.73 9.10 -14.69
C GLN A 123 -15.60 8.08 -14.74
N LEU A 124 -15.78 6.95 -14.07
CA LEU A 124 -14.78 5.90 -14.11
C LEU A 124 -14.83 5.21 -15.46
N GLN A 125 -13.66 5.04 -16.08
CA GLN A 125 -13.53 4.39 -17.38
C GLN A 125 -12.77 3.09 -17.21
N LEU A 126 -13.39 1.98 -17.62
CA LEU A 126 -12.72 0.68 -17.56
C LEU A 126 -11.84 0.51 -18.80
N HIS A 127 -10.56 0.28 -18.57
CA HIS A 127 -9.60 0.14 -19.68
C HIS A 127 -9.22 -1.30 -19.96
N CYS A 128 -9.22 -2.16 -18.95
CA CYS A 128 -8.82 -3.55 -19.12
C CYS A 128 -9.49 -4.38 -18.03
N GLN A 129 -9.91 -5.59 -18.41
CA GLN A 129 -10.58 -6.50 -17.51
C GLN A 129 -10.10 -7.92 -17.81
N ALA A 130 -9.87 -8.70 -16.76
CA ALA A 130 -9.41 -10.06 -16.95
C ALA A 130 -9.64 -10.84 -15.66
N ARG A 131 -9.42 -12.15 -15.75
CA ARG A 131 -9.37 -13.03 -14.59
C ARG A 131 -8.05 -13.76 -14.59
N ALA A 132 -7.58 -14.14 -13.41
CA ALA A 132 -6.27 -14.76 -13.28
C ALA A 132 -6.34 -15.95 -12.32
N SER A 133 -5.27 -16.72 -12.32
CA SER A 133 -5.13 -17.89 -11.46
C SER A 133 -3.66 -18.30 -11.48
N THR A 134 -3.33 -19.35 -10.74
CA THR A 134 -2.02 -19.98 -10.79
C THR A 134 -2.22 -21.44 -11.15
N ALA A 135 -1.29 -21.99 -11.95
CA ALA A 135 -1.42 -23.37 -12.39
C ALA A 135 -0.07 -23.98 -12.70
N GLU A 136 0.01 -25.30 -12.58
CA GLU A 136 1.10 -26.03 -13.22
C GLU A 136 0.84 -26.01 -14.72
N VAL A 137 1.83 -25.57 -15.51
CA VAL A 137 1.62 -25.47 -16.95
C VAL A 137 2.77 -26.12 -17.70
N GLN A 138 2.44 -26.56 -18.92
CA GLN A 138 3.34 -27.28 -19.80
C GLN A 138 3.85 -26.36 -20.91
N ALA A 139 5.14 -26.50 -21.23
CA ALA A 139 5.78 -25.67 -22.24
C ALA A 139 5.23 -25.91 -23.63
N ALA A 140 5.16 -24.83 -24.41
CA ALA A 140 5.05 -24.94 -25.85
C ALA A 140 6.43 -25.29 -26.39
N TRP A 141 6.46 -25.87 -27.57
CA TRP A 141 7.72 -26.34 -28.16
C TRP A 141 8.02 -25.51 -29.39
N LEU A 142 9.26 -25.02 -29.48
CA LEU A 142 9.63 -24.29 -30.66
C LEU A 142 9.55 -25.29 -31.81
N ASP A 143 8.62 -25.05 -32.72
CA ASP A 143 8.26 -26.00 -33.77
C ASP A 143 8.64 -25.51 -35.15
N PHE A 144 9.45 -24.45 -35.24
CA PHE A 144 9.57 -23.72 -36.49
C PHE A 144 10.71 -24.29 -37.34
N SER A 145 10.37 -24.78 -38.51
CA SER A 145 11.34 -25.19 -39.51
C SER A 145 11.38 -24.08 -40.55
N SER A 146 12.59 -23.57 -40.84
CA SER A 146 12.77 -22.46 -41.77
C SER A 146 12.98 -22.91 -43.22
N LEU A 147 12.96 -24.20 -43.50
CA LEU A 147 13.16 -24.70 -44.87
C LEU A 147 12.13 -24.07 -45.79
N GLY A 148 12.60 -23.32 -46.80
CA GLY A 148 11.69 -22.65 -47.69
C GLY A 148 11.10 -21.38 -47.13
N ALA A 149 11.55 -20.93 -45.96
CA ALA A 149 10.94 -19.80 -45.29
C ALA A 149 11.24 -18.51 -46.04
N GLN A 150 10.34 -17.54 -45.84
CA GLN A 150 10.45 -16.22 -46.46
C GLN A 150 10.96 -15.22 -45.41
N VAL A 151 11.99 -14.47 -45.78
CA VAL A 151 12.47 -13.39 -44.93
C VAL A 151 11.53 -12.22 -45.10
N VAL A 152 10.97 -11.73 -44.00
CA VAL A 152 10.02 -10.63 -44.02
C VAL A 152 10.78 -9.35 -43.72
N ASP A 153 10.53 -8.31 -44.51
CA ASP A 153 11.17 -7.01 -44.29
C ASP A 153 10.57 -6.36 -43.07
N VAL A 154 11.37 -6.22 -42.01
CA VAL A 154 10.87 -5.64 -40.76
C VAL A 154 10.41 -4.20 -40.99
N GLU A 155 11.16 -3.44 -41.78
CA GLU A 155 10.76 -2.07 -42.05
C GLU A 155 9.44 -2.00 -42.81
N ALA A 156 9.19 -2.98 -43.67
CA ALA A 156 7.88 -3.06 -44.32
C ALA A 156 6.77 -3.26 -43.30
N CYS A 157 7.05 -4.02 -42.23
CA CYS A 157 6.06 -4.22 -41.18
C CYS A 157 5.81 -2.90 -40.43
N TYR A 158 6.87 -2.20 -40.05
CA TYR A 158 6.68 -0.94 -39.35
C TYR A 158 6.05 0.12 -40.24
N GLN A 159 6.33 0.08 -41.55
CA GLN A 159 5.68 1.00 -42.47
CA GLN A 159 5.68 1.00 -42.47
C GLN A 159 4.19 0.71 -42.56
N ARG A 160 3.80 -0.56 -42.46
CA ARG A 160 2.38 -0.89 -42.46
C ARG A 160 1.71 -0.43 -41.18
N PHE A 161 2.35 -0.67 -40.02
CA PHE A 161 1.83 -0.12 -38.77
C PHE A 161 1.69 1.39 -38.86
N ALA A 162 2.70 2.06 -39.40
CA ALA A 162 2.66 3.52 -39.51
C ALA A 162 1.53 3.95 -40.43
N ALA A 163 1.28 3.20 -41.50
CA ALA A 163 0.19 3.55 -42.40
C ALA A 163 -1.18 3.44 -41.74
N MET A 164 -1.32 2.57 -40.74
CA MET A 164 -2.59 2.46 -40.03
C MET A 164 -2.68 3.42 -38.85
N GLY A 165 -1.59 4.10 -38.51
CA GLY A 165 -1.60 5.11 -37.47
C GLY A 165 -0.77 4.81 -36.23
N ILE A 166 0.06 3.78 -36.25
CA ILE A 166 0.84 3.36 -35.08
C ILE A 166 2.31 3.62 -35.37
N GLU A 167 2.94 4.45 -34.54
CA GLU A 167 4.35 4.80 -34.68
C GLU A 167 5.07 4.46 -33.38
N TYR A 168 6.23 3.81 -33.50
CA TYR A 168 6.98 3.34 -32.35
C TYR A 168 8.30 4.10 -32.22
N GLY A 169 8.65 4.47 -30.99
CA GLY A 169 9.98 4.93 -30.72
C GLY A 169 10.96 3.78 -30.67
N ALA A 170 12.25 4.12 -30.62
CA ALA A 170 13.29 3.09 -30.70
C ALA A 170 13.11 2.03 -29.64
N GLY A 171 12.72 2.45 -28.42
CA GLY A 171 12.58 1.49 -27.34
C GLY A 171 11.48 0.46 -27.56
N HIS A 172 10.54 0.74 -28.47
CA HIS A 172 9.49 -0.22 -28.80
C HIS A 172 9.57 -0.69 -30.25
N ARG A 173 10.64 -0.37 -30.95
CA ARG A 173 10.91 -0.93 -32.28
C ARG A 173 11.89 -2.10 -32.16
N ARG A 174 11.47 -3.14 -31.47
CA ARG A 174 12.36 -4.21 -31.04
C ARG A 174 12.30 -5.43 -31.94
N LEU A 175 11.55 -5.37 -33.05
CA LEU A 175 11.59 -6.44 -34.04
C LEU A 175 12.93 -6.40 -34.76
N LEU A 176 13.74 -7.43 -34.55
CA LEU A 176 15.06 -7.51 -35.16
C LEU A 176 15.07 -8.33 -36.44
N SER A 177 14.27 -9.39 -36.51
CA SER A 177 14.18 -10.17 -37.74
C SER A 177 12.85 -10.92 -37.73
N LEU A 178 12.40 -11.28 -38.93
CA LEU A 178 11.15 -11.99 -39.13
C LEU A 178 11.33 -12.98 -40.27
N VAL A 179 10.85 -14.20 -40.08
CA VAL A 179 10.76 -15.18 -41.15
C VAL A 179 9.37 -15.80 -41.11
N ARG A 180 8.81 -16.06 -42.30
CA ARG A 180 7.45 -16.59 -42.43
C ARG A 180 7.50 -17.93 -43.13
N GLN A 181 6.75 -18.89 -42.59
CA GLN A 181 6.57 -20.21 -43.20
C GLN A 181 5.08 -20.52 -43.21
N GLY A 182 4.42 -20.24 -44.32
CA GLY A 182 2.98 -20.45 -44.39
C GLY A 182 2.27 -19.51 -43.43
N ASP A 183 1.42 -20.08 -42.58
CA ASP A 183 0.67 -19.32 -41.59
C ASP A 183 1.42 -19.21 -40.26
N GLN A 184 2.73 -19.44 -40.25
CA GLN A 184 3.55 -19.31 -39.06
C GLN A 184 4.69 -18.34 -39.32
N ALA A 185 5.17 -17.70 -38.26
CA ALA A 185 6.29 -16.79 -38.34
C ALA A 185 7.16 -16.94 -37.10
N LEU A 186 8.44 -16.63 -37.25
CA LEU A 186 9.39 -16.68 -36.16
C LEU A 186 10.11 -15.34 -36.10
N ALA A 187 10.07 -14.70 -34.93
CA ALA A 187 10.64 -13.38 -34.75
C ALA A 187 11.73 -13.42 -33.69
N ARG A 188 12.74 -12.58 -33.88
CA ARG A 188 13.76 -12.33 -32.87
C ARG A 188 13.59 -10.90 -32.36
N ILE A 189 13.50 -10.76 -31.04
CA ILE A 189 13.30 -9.47 -30.39
C ILE A 189 14.29 -9.35 -29.25
N ALA A 190 14.67 -8.11 -28.93
CA ALA A 190 15.56 -7.86 -27.81
C ALA A 190 15.44 -6.40 -27.41
N LEU A 191 15.65 -6.13 -26.12
CA LEU A 191 15.61 -4.77 -25.61
C LEU A 191 16.74 -3.93 -26.20
N GLN A 192 16.46 -2.63 -26.38
CA GLN A 192 17.48 -1.71 -26.83
C GLN A 192 18.58 -1.57 -25.80
N ASP A 193 18.21 -1.54 -24.52
CA ASP A 193 19.18 -1.55 -23.41
C ASP A 193 18.88 -2.77 -22.56
N PRO A 194 19.66 -3.85 -22.67
CA PRO A 194 19.34 -5.05 -21.89
C PRO A 194 19.24 -4.80 -20.40
N ALA A 195 20.04 -3.88 -19.85
CA ALA A 195 20.01 -3.62 -18.42
C ALA A 195 18.62 -3.23 -17.94
N LEU A 196 17.81 -2.60 -18.80
CA LEU A 196 16.48 -2.17 -18.40
C LEU A 196 15.53 -3.33 -18.17
N ASN A 197 15.94 -4.57 -18.46
CA ASN A 197 15.12 -5.72 -18.09
C ASN A 197 15.08 -5.93 -16.58
N SER A 198 15.93 -5.22 -15.83
CA SER A 198 15.96 -5.35 -14.39
C SER A 198 14.62 -4.98 -13.78
N GLY A 199 14.09 -5.86 -12.93
CA GLY A 199 12.84 -5.62 -12.26
C GLY A 199 11.61 -6.13 -12.98
N PHE A 200 11.77 -6.66 -14.19
CA PHE A 200 10.66 -7.17 -14.99
C PHE A 200 10.78 -8.68 -15.11
N ALA A 201 9.70 -9.40 -14.79
CA ALA A 201 9.61 -10.80 -15.19
C ALA A 201 9.43 -10.90 -16.70
N LEU A 202 8.63 -9.99 -17.27
CA LEU A 202 8.48 -9.87 -18.71
C LEU A 202 8.38 -8.39 -19.04
N HIS A 203 9.36 -7.88 -19.78
CA HIS A 203 9.41 -6.45 -20.07
C HIS A 203 8.30 -6.09 -21.05
N PRO A 204 7.58 -4.98 -20.82
CA PRO A 204 6.44 -4.64 -21.70
C PRO A 204 6.84 -4.39 -23.14
N ALA A 205 8.04 -3.86 -23.39
CA ALA A 205 8.47 -3.62 -24.76
C ALA A 205 8.68 -4.93 -25.51
N LEU A 206 9.18 -5.96 -24.83
CA LEU A 206 9.34 -7.26 -25.47
C LEU A 206 8.00 -7.92 -25.71
N LEU A 207 7.08 -7.80 -24.75
CA LEU A 207 5.74 -8.34 -24.97
C LEU A 207 5.04 -7.60 -26.11
N ASP A 208 5.24 -6.28 -26.19
CA ASP A 208 4.67 -5.51 -27.29
C ASP A 208 5.31 -5.91 -28.61
N ALA A 209 6.63 -6.07 -28.63
CA ALA A 209 7.32 -6.48 -29.85
C ALA A 209 6.85 -7.86 -30.31
N ALA A 210 6.62 -8.77 -29.36
CA ALA A 210 6.06 -10.07 -29.71
C ALA A 210 4.74 -9.91 -30.45
N MET A 211 3.89 -9.00 -29.98
CA MET A 211 2.61 -8.76 -30.65
C MET A 211 2.81 -8.09 -32.00
N GLN A 212 3.78 -7.17 -32.09
CA GLN A 212 4.07 -6.55 -33.39
C GLN A 212 4.38 -7.60 -34.45
N GLY A 213 4.93 -8.74 -34.05
CA GLY A 213 5.35 -9.74 -35.01
C GLY A 213 4.24 -10.32 -35.85
N VAL A 214 2.98 -10.20 -35.40
CA VAL A 214 1.87 -10.76 -36.16
C VAL A 214 1.80 -10.13 -37.54
N MET A 215 2.32 -8.91 -37.69
CA MET A 215 2.28 -8.24 -38.98
C MET A 215 2.98 -9.04 -40.06
N ALA A 216 3.94 -9.89 -39.68
CA ALA A 216 4.59 -10.75 -40.66
C ALA A 216 3.56 -11.56 -41.43
N LEU A 217 2.48 -11.96 -40.77
CA LEU A 217 1.44 -12.78 -41.37
C LEU A 217 0.36 -11.98 -42.06
N LEU A 218 0.39 -10.65 -41.99
CA LEU A 218 -0.69 -9.82 -42.51
C LEU A 218 -0.29 -8.88 -43.64
N LEU A 219 1.01 -8.77 -43.97
CA LEU A 219 1.43 -7.81 -44.98
C LEU A 219 0.68 -8.01 -46.30
N ASP A 220 0.51 -9.27 -46.72
CA ASP A 220 -0.15 -9.53 -48.00
C ASP A 220 -1.65 -9.31 -47.90
N GLU A 221 -2.27 -9.69 -46.78
CA GLU A 221 -3.72 -9.55 -46.66
C GLU A 221 -4.12 -8.07 -46.62
N LEU A 222 -3.45 -7.29 -45.79
CA LEU A 222 -3.83 -5.89 -45.61
C LEU A 222 -3.47 -5.07 -46.84
N GLU A 223 -4.25 -4.00 -47.05
CA GLU A 223 -3.98 -3.07 -48.13
C GLU A 223 -2.93 -2.07 -47.69
N GLU A 224 -2.53 -1.18 -48.61
CA GLU A 224 -1.51 -0.19 -48.31
C GLU A 224 -1.89 0.66 -47.10
N ARG A 225 -3.17 1.07 -47.01
CA ARG A 225 -3.67 1.89 -45.91
C ARG A 225 -4.80 1.15 -45.21
N PRO A 226 -4.48 0.09 -44.46
CA PRO A 226 -5.53 -0.65 -43.77
C PRO A 226 -6.09 0.14 -42.60
N ALA A 227 -7.24 -0.31 -42.12
CA ALA A 227 -7.80 0.29 -40.92
C ALA A 227 -6.92 -0.01 -39.71
N LEU A 228 -7.03 0.85 -38.71
CA LEU A 228 -6.25 0.67 -37.49
C LEU A 228 -6.67 -0.62 -36.79
N LEU A 229 -5.70 -1.47 -36.47
CA LEU A 229 -5.93 -2.71 -35.75
C LEU A 229 -5.20 -2.64 -34.42
N LEU A 230 -5.89 -3.00 -33.35
CA LEU A 230 -5.31 -3.00 -32.02
C LEU A 230 -5.72 -4.27 -31.29
N PRO A 231 -4.89 -4.77 -30.38
CA PRO A 231 -5.31 -5.90 -29.55
C PRO A 231 -6.59 -5.56 -28.79
N ALA A 232 -7.55 -6.48 -28.86
CA ALA A 232 -8.84 -6.30 -28.21
C ALA A 232 -9.16 -7.38 -27.19
N GLY A 233 -8.66 -8.60 -27.37
CA GLY A 233 -8.91 -9.66 -26.43
C GLY A 233 -7.77 -10.65 -26.41
N LEU A 234 -7.67 -11.39 -25.32
CA LEU A 234 -6.64 -12.41 -25.16
C LEU A 234 -7.22 -13.57 -24.38
N GLY A 235 -7.20 -14.76 -25.01
CA GLY A 235 -7.74 -15.93 -24.34
C GLY A 235 -6.95 -16.33 -23.11
N GLN A 236 -5.63 -16.36 -23.23
CA GLN A 236 -4.76 -16.70 -22.10
C GLN A 236 -3.40 -16.06 -22.29
N CYS A 237 -2.81 -15.63 -21.17
CA CYS A 237 -1.40 -15.26 -21.11
C CYS A 237 -0.79 -16.05 -19.96
N VAL A 238 0.12 -16.95 -20.27
CA VAL A 238 0.76 -17.81 -19.28
C VAL A 238 2.22 -17.39 -19.14
N LEU A 239 2.62 -17.06 -17.92
CA LEU A 239 3.99 -16.69 -17.61
C LEU A 239 4.65 -17.88 -16.91
N LEU A 240 5.52 -18.58 -17.63
CA LEU A 240 6.19 -19.77 -17.13
C LEU A 240 7.47 -19.47 -16.37
N ALA A 241 8.23 -18.46 -16.82
CA ALA A 241 9.52 -18.18 -16.22
C ALA A 241 9.91 -16.76 -16.59
N ASP A 242 10.92 -16.24 -15.88
CA ASP A 242 11.44 -14.93 -16.20
C ASP A 242 11.96 -14.91 -17.63
N CYS A 243 11.68 -13.83 -18.35
CA CYS A 243 12.05 -13.72 -19.74
C CYS A 243 13.33 -12.92 -19.88
N PRO A 244 14.36 -13.41 -20.60
CA PRO A 244 15.58 -12.61 -20.77
C PRO A 244 15.35 -11.39 -21.65
N ALA A 245 16.41 -10.61 -21.86
CA ALA A 245 16.31 -9.41 -22.68
C ALA A 245 16.27 -9.70 -24.17
N SER A 246 16.53 -10.94 -24.58
CA SER A 246 16.46 -11.35 -25.98
C SER A 246 15.57 -12.58 -26.07
N LEU A 247 14.69 -12.61 -27.07
CA LEU A 247 13.66 -13.64 -27.14
C LEU A 247 13.43 -14.06 -28.58
N GLN A 248 12.97 -15.29 -28.74
CA GLN A 248 12.38 -15.79 -29.97
C GLN A 248 10.88 -15.89 -29.78
N VAL A 249 10.13 -15.54 -30.82
CA VAL A 249 8.67 -15.55 -30.76
C VAL A 249 8.15 -16.35 -31.93
N GLN A 250 7.47 -17.46 -31.64
CA GLN A 250 6.78 -18.24 -32.65
C GLN A 250 5.33 -17.79 -32.72
N ILE A 251 4.85 -17.49 -33.92
CA ILE A 251 3.53 -16.91 -34.12
C ILE A 251 2.77 -17.80 -35.10
N ARG A 252 1.53 -18.11 -34.77
CA ARG A 252 0.66 -18.93 -35.62
C ARG A 252 -0.67 -18.22 -35.79
N ARG A 253 -1.05 -17.98 -37.05
CA ARG A 253 -2.39 -17.48 -37.35
C ARG A 253 -3.43 -18.50 -36.90
N ALA A 254 -4.51 -18.01 -36.30
CA ALA A 254 -5.60 -18.84 -35.83
C ALA A 254 -6.90 -18.40 -36.48
N PRO A 255 -7.90 -19.28 -36.53
CA PRO A 255 -9.20 -18.90 -37.11
C PRO A 255 -9.82 -17.74 -36.34
N SER A 256 -10.51 -16.88 -37.09
CA SER A 256 -11.18 -15.73 -36.49
C SER A 256 -12.43 -15.40 -37.30
N THR A 257 -13.41 -14.83 -36.61
CA THR A 257 -14.57 -14.26 -37.29
C THR A 257 -14.22 -12.89 -37.81
N ALA A 258 -14.81 -12.52 -38.95
CA ALA A 258 -14.56 -11.21 -39.52
C ALA A 258 -15.18 -10.14 -38.62
N PRO A 259 -14.61 -8.91 -38.64
CA PRO A 259 -13.46 -8.47 -39.44
C PRO A 259 -12.16 -8.51 -38.64
N ASP A 260 -12.00 -9.53 -37.81
CA ASP A 260 -10.92 -9.58 -36.83
C ASP A 260 -9.83 -10.57 -37.24
N TYR A 261 -8.73 -10.52 -36.51
CA TYR A 261 -7.59 -11.40 -36.72
C TYR A 261 -7.18 -12.00 -35.38
N CYS A 262 -6.79 -13.27 -35.39
CA CYS A 262 -6.46 -13.98 -34.17
C CYS A 262 -5.16 -14.77 -34.35
N PHE A 263 -4.36 -14.82 -33.29
CA PHE A 263 -3.05 -15.46 -33.33
C PHE A 263 -2.77 -16.14 -32.01
N ASP A 264 -1.93 -17.18 -32.06
CA ASP A 264 -1.29 -17.75 -30.88
C ASP A 264 0.19 -17.44 -30.95
N LEU A 265 0.78 -17.10 -29.80
CA LEU A 265 2.19 -16.76 -29.72
C LEU A 265 2.84 -17.52 -28.58
N ALA A 266 4.13 -17.80 -28.74
CA ALA A 266 4.93 -18.41 -27.69
C ALA A 266 6.28 -17.74 -27.68
N LEU A 267 6.74 -17.36 -26.49
CA LEU A 267 7.99 -16.65 -26.32
C LEU A 267 9.03 -17.61 -25.76
N PHE A 268 10.20 -17.66 -26.40
CA PHE A 268 11.26 -18.57 -26.01
C PHE A 268 12.55 -17.77 -25.81
N ASP A 269 13.41 -18.27 -24.94
CA ASP A 269 14.73 -17.69 -24.80
C ASP A 269 15.61 -18.15 -25.97
N ASP A 270 16.82 -17.59 -26.04
CA ASP A 270 17.71 -17.92 -27.15
C ASP A 270 18.05 -19.40 -27.19
N GLN A 271 17.82 -20.13 -26.11
CA GLN A 271 18.08 -21.57 -26.08
C GLN A 271 16.87 -22.40 -26.46
N GLY A 272 15.71 -21.79 -26.67
CA GLY A 272 14.51 -22.52 -27.03
C GLY A 272 13.60 -22.88 -25.86
N GLN A 273 13.88 -22.40 -24.66
CA GLN A 273 13.01 -22.64 -23.51
C GLN A 273 11.78 -21.74 -23.60
N CYS A 274 10.61 -22.33 -23.41
CA CYS A 274 9.39 -21.52 -23.41
C CYS A 274 9.28 -20.73 -22.11
N CYS A 275 9.14 -19.42 -22.24
CA CYS A 275 9.00 -18.53 -21.10
C CYS A 275 7.60 -17.95 -20.94
N ALA A 276 6.85 -17.81 -22.04
CA ALA A 276 5.50 -17.26 -21.96
C ALA A 276 4.71 -17.72 -23.17
N ILE A 277 3.39 -17.81 -22.98
CA ILE A 277 2.47 -18.28 -24.02
C ILE A 277 1.28 -17.33 -24.06
N LEU A 278 0.90 -16.91 -25.27
CA LEU A 278 -0.31 -16.13 -25.50
C LEU A 278 -1.20 -16.92 -26.46
N ASN A 279 -2.37 -17.33 -25.98
CA ASN A 279 -3.32 -18.08 -26.78
C ASN A 279 -4.52 -17.21 -27.12
N GLN A 280 -4.86 -17.17 -28.41
CA GLN A 280 -6.04 -16.47 -28.90
C GLN A 280 -5.95 -14.97 -28.62
N LEU A 281 -4.92 -14.36 -29.18
CA LEU A 281 -4.76 -12.90 -29.15
C LEU A 281 -5.52 -12.32 -30.34
N SER A 282 -6.58 -11.56 -30.04
CA SER A 282 -7.49 -11.04 -31.06
C SER A 282 -7.21 -9.57 -31.35
N PHE A 283 -7.00 -9.26 -32.63
CA PHE A 283 -6.87 -7.88 -33.10
C PHE A 283 -8.17 -7.48 -33.80
N GLN A 284 -8.63 -6.26 -33.54
CA GLN A 284 -9.89 -5.79 -34.09
C GLN A 284 -9.76 -4.35 -34.56
N PRO A 285 -10.49 -3.97 -35.62
CA PRO A 285 -10.49 -2.57 -36.03
C PRO A 285 -10.93 -1.64 -34.91
N VAL B 10 5.69 8.06 -3.17
CA VAL B 10 6.84 7.76 -2.33
C VAL B 10 6.64 8.30 -0.92
N GLU B 11 5.54 9.03 -0.70
CA GLU B 11 5.29 9.62 0.60
C GLU B 11 4.72 8.61 1.59
N HIS B 12 5.01 8.83 2.86
CA HIS B 12 4.38 8.09 3.93
C HIS B 12 2.89 8.40 3.98
N LEU B 13 2.08 7.39 4.32
CA LEU B 13 0.66 7.66 4.52
C LEU B 13 0.43 8.55 5.72
N HIS B 14 1.35 8.51 6.69
CA HIS B 14 1.18 9.15 7.98
C HIS B 14 2.55 9.09 8.65
N PRO B 15 2.94 10.09 9.44
CA PRO B 15 4.26 10.04 10.08
C PRO B 15 4.52 8.75 10.83
N LEU B 16 3.48 8.09 11.34
CA LEU B 16 3.61 6.85 12.07
C LEU B 16 3.06 5.64 11.33
N LEU B 17 2.59 5.81 10.09
CA LEU B 17 2.08 4.71 9.27
C LEU B 17 2.64 4.90 7.86
N HIS B 18 3.80 4.30 7.60
CA HIS B 18 4.58 4.67 6.43
C HIS B 18 4.02 4.06 5.14
N ARG B 19 3.77 2.75 5.13
CA ARG B 19 3.54 2.04 3.88
C ARG B 19 2.36 1.08 4.00
N ASN B 20 1.64 0.94 2.89
CA ASN B 20 0.58 -0.05 2.74
C ASN B 20 1.18 -1.29 2.09
N VAL B 21 1.16 -2.42 2.82
CA VAL B 21 1.71 -3.67 2.30
C VAL B 21 0.64 -4.75 2.29
N SER B 22 -0.61 -4.35 2.11
CA SER B 22 -1.72 -5.29 2.09
C SER B 22 -1.57 -6.30 0.96
N ASP B 23 -2.05 -7.51 1.19
CA ASP B 23 -2.05 -8.55 0.16
C ASP B 23 -3.21 -9.50 0.44
N LEU B 24 -3.19 -10.66 -0.21
CA LEU B 24 -4.31 -11.59 -0.09
C LEU B 24 -4.53 -12.05 1.35
N ARG B 25 -3.48 -12.00 2.17
CA ARG B 25 -3.64 -12.35 3.58
C ARG B 25 -4.45 -11.30 4.35
N GLY B 26 -4.57 -10.09 3.82
CA GLY B 26 -5.38 -9.07 4.46
C GLY B 26 -4.71 -7.71 4.46
N LEU B 27 -5.42 -6.70 4.97
CA LEU B 27 -4.83 -5.37 5.04
C LEU B 27 -3.69 -5.34 6.04
N ARG B 28 -2.61 -4.68 5.66
CA ARG B 28 -1.40 -4.68 6.46
C ARG B 28 -0.60 -3.43 6.15
N TYR B 29 0.10 -2.93 7.15
CA TYR B 29 0.85 -1.69 7.03
C TYR B 29 2.21 -1.89 7.68
N LEU B 30 3.17 -1.09 7.24
CA LEU B 30 4.55 -1.22 7.68
C LEU B 30 5.14 0.16 7.89
N SER B 31 5.73 0.38 9.07
CA SER B 31 6.55 1.55 9.33
C SER B 31 7.94 1.09 9.74
N ARG B 32 8.95 1.81 9.26
CA ARG B 32 10.35 1.51 9.58
C ARG B 32 10.94 2.72 10.27
N PHE B 33 11.31 2.55 11.53
CA PHE B 33 11.88 3.62 12.33
C PHE B 33 13.39 3.45 12.42
N SER B 34 14.09 4.58 12.47
CA SER B 34 15.54 4.59 12.65
C SER B 34 15.94 4.62 14.12
N GLY B 35 15.04 5.04 15.02
CA GLY B 35 15.37 5.27 16.40
C GLY B 35 15.64 6.73 16.73
N ASP B 36 15.88 7.56 15.71
CA ASP B 36 16.06 8.99 15.90
C ASP B 36 14.73 9.73 16.05
N GLU B 37 13.61 9.09 15.74
CA GLU B 37 12.32 9.75 15.83
C GLU B 37 11.99 10.08 17.28
N SER B 38 11.30 11.20 17.47
CA SER B 38 11.03 11.69 18.83
C SER B 38 10.22 10.69 19.64
N VAL B 39 9.26 10.00 19.01
CA VAL B 39 8.44 9.05 19.75
C VAL B 39 9.28 7.92 20.33
N LEU B 40 10.50 7.74 19.83
CA LEU B 40 11.44 6.78 20.39
C LEU B 40 12.55 7.48 21.17
N ALA B 41 13.29 8.38 20.53
CA ALA B 41 14.49 8.93 21.13
C ALA B 41 14.17 9.77 22.38
N GLU B 42 13.01 10.41 22.40
CA GLU B 42 12.61 11.24 23.53
C GLU B 42 11.72 10.51 24.53
N HIS B 43 11.63 9.18 24.42
CA HIS B 43 10.84 8.37 25.34
C HIS B 43 11.71 7.17 25.71
N ARG B 44 12.52 7.33 26.75
CA ARG B 44 13.51 6.33 27.15
C ARG B 44 13.08 5.66 28.45
N VAL B 45 13.03 4.33 28.44
CA VAL B 45 12.65 3.53 29.60
C VAL B 45 13.84 2.66 29.97
N ASN B 46 14.35 2.84 31.18
CA ASN B 46 15.54 2.12 31.65
C ASN B 46 16.70 2.31 30.67
N GLY B 47 16.81 3.51 30.12
CA GLY B 47 17.92 3.88 29.26
C GLY B 47 17.73 3.56 27.79
N GLN B 48 16.69 2.80 27.42
CA GLN B 48 16.45 2.40 26.05
C GLN B 48 15.39 3.27 25.41
N ALA B 49 15.62 3.69 24.17
CA ALA B 49 14.60 4.38 23.40
C ALA B 49 13.48 3.39 23.09
N VAL B 50 12.29 3.68 23.57
CA VAL B 50 11.14 2.78 23.43
CA VAL B 50 11.15 2.78 23.43
C VAL B 50 9.97 3.57 22.88
N LEU B 51 9.23 2.96 21.96
CA LEU B 51 8.07 3.61 21.38
C LEU B 51 7.02 3.86 22.46
N ALA B 52 6.61 5.12 22.60
CA ALA B 52 5.58 5.47 23.56
C ALA B 52 4.29 4.73 23.24
N GLY B 53 3.62 4.23 24.29
CA GLY B 53 2.36 3.55 24.10
C GLY B 53 1.36 4.38 23.33
N ALA B 54 1.37 5.70 23.56
CA ALA B 54 0.48 6.59 22.82
C ALA B 54 0.68 6.47 21.32
N ALA B 55 1.92 6.23 20.88
CA ALA B 55 2.20 6.19 19.44
C ALA B 55 1.46 5.05 18.76
N MET B 56 1.28 3.92 19.44
CA MET B 56 0.55 2.82 18.83
C MET B 56 -0.94 3.11 18.70
N ILE B 57 -1.51 3.91 19.61
CA ILE B 57 -2.88 4.36 19.44
C ILE B 57 -3.00 5.23 18.19
N VAL B 58 -2.05 6.15 18.01
CA VAL B 58 -2.07 7.02 16.84
C VAL B 58 -1.91 6.20 15.57
N MET B 59 -1.10 5.15 15.61
CA MET B 59 -0.93 4.29 14.45
C MET B 59 -2.23 3.58 14.11
N ILE B 60 -2.97 3.13 15.12
CA ILE B 60 -4.26 2.49 14.89
C ILE B 60 -5.23 3.47 14.25
N GLN B 61 -5.24 4.72 14.75
CA GLN B 61 -6.11 5.73 14.18
C GLN B 61 -5.77 6.01 12.73
N ALA B 62 -4.48 6.11 12.41
CA ALA B 62 -4.06 6.34 11.03
C ALA B 62 -4.46 5.18 10.13
N ALA B 63 -4.26 3.95 10.59
CA ALA B 63 -4.56 2.78 9.78
C ALA B 63 -6.06 2.68 9.49
N LEU B 64 -6.88 2.84 10.52
CA LEU B 64 -8.32 2.80 10.32
C LEU B 64 -8.78 3.92 9.39
N THR B 65 -8.24 5.13 9.59
CA THR B 65 -8.62 6.24 8.72
C THR B 65 -8.27 5.96 7.28
N ASP B 66 -7.11 5.36 7.02
CA ASP B 66 -6.72 5.01 5.66
C ASP B 66 -7.60 3.89 5.11
N ALA B 67 -7.83 2.84 5.92
CA ALA B 67 -8.64 1.72 5.47
C ALA B 67 -10.07 2.14 5.17
N LEU B 68 -10.55 3.21 5.80
CA LEU B 68 -11.90 3.71 5.54
C LEU B 68 -11.94 4.62 4.32
N GLY B 69 -10.84 4.73 3.58
CA GLY B 69 -10.77 5.55 2.39
C GLY B 69 -10.06 6.87 2.56
N GLY B 70 -9.41 7.10 3.70
CA GLY B 70 -8.72 8.34 3.98
C GLY B 70 -9.47 9.29 4.89
N ALA B 71 -10.71 8.96 5.27
CA ALA B 71 -11.46 9.80 6.19
C ALA B 71 -12.50 8.96 6.91
N VAL B 72 -12.81 9.37 8.13
CA VAL B 72 -13.89 8.82 8.94
C VAL B 72 -15.20 9.41 8.45
N PRO B 73 -16.33 8.68 8.51
CA PRO B 73 -17.58 9.27 8.06
C PRO B 73 -17.95 10.48 8.89
N ALA B 74 -18.48 11.50 8.22
CA ALA B 74 -18.60 12.82 8.84
C ALA B 74 -19.33 12.76 10.17
N GLY B 75 -20.40 11.97 10.26
CA GLY B 75 -21.16 11.96 11.50
C GLY B 75 -20.63 11.05 12.59
N ARG B 76 -19.62 10.25 12.30
CA ARG B 76 -19.09 9.28 13.26
C ARG B 76 -17.66 9.63 13.67
N GLY B 77 -17.27 9.05 14.81
CA GLY B 77 -15.91 9.15 15.31
C GLY B 77 -15.27 7.78 15.42
N LEU B 78 -13.95 7.73 15.55
CA LEU B 78 -13.24 6.46 15.67
C LEU B 78 -13.21 6.01 17.13
N VAL B 79 -13.48 4.73 17.35
CA VAL B 79 -13.48 4.13 18.68
C VAL B 79 -12.52 2.95 18.67
N ILE B 80 -11.56 2.97 19.57
CA ILE B 80 -10.64 1.85 19.81
C ILE B 80 -10.99 1.27 21.17
N SER B 81 -11.15 -0.05 21.22
CA SER B 81 -11.66 -0.72 22.40
C SER B 81 -10.79 -1.90 22.80
N ASP B 82 -10.73 -2.16 24.11
CA ASP B 82 -10.05 -3.32 24.66
C ASP B 82 -8.63 -3.44 24.11
N LEU B 83 -7.89 -2.36 24.20
CA LEU B 83 -6.50 -2.33 23.77
C LEU B 83 -5.60 -2.83 24.89
N SER B 84 -4.58 -3.60 24.53
CA SER B 84 -3.55 -4.02 25.46
C SER B 84 -2.18 -3.83 24.84
N TRP B 85 -1.26 -3.28 25.62
CA TRP B 85 0.15 -3.18 25.25
C TRP B 85 0.88 -4.39 25.84
N ARG B 86 1.70 -5.03 25.04
CA ARG B 86 2.52 -6.15 25.48
C ARG B 86 3.95 -5.65 25.68
N GLN B 87 4.97 -6.30 25.13
CA GLN B 87 6.33 -5.84 25.33
C GLN B 87 6.53 -4.49 24.62
N PRO B 88 7.36 -3.62 25.18
CA PRO B 88 7.65 -2.36 24.49
C PRO B 88 8.48 -2.61 23.23
N PHE B 89 8.38 -1.68 22.29
CA PHE B 89 9.06 -1.79 21.01
C PHE B 89 10.28 -0.87 20.98
N SER B 90 11.44 -1.45 20.66
CA SER B 90 12.66 -0.71 20.42
C SER B 90 13.25 -1.15 19.09
N VAL B 91 13.96 -0.24 18.44
CA VAL B 91 14.61 -0.53 17.17
C VAL B 91 15.90 -1.32 17.46
N ASP B 92 16.02 -2.48 16.82
CA ASP B 92 17.25 -3.27 16.92
C ASP B 92 17.50 -3.96 15.59
N ALA B 93 18.67 -4.62 15.51
CA ALA B 93 19.03 -5.32 14.29
C ALA B 93 18.05 -6.44 13.96
N ALA B 94 17.44 -7.05 14.98
CA ALA B 94 16.54 -8.18 14.74
C ALA B 94 15.30 -7.75 13.98
N ASN B 95 14.66 -6.67 14.41
CA ASN B 95 13.46 -6.20 13.73
C ASN B 95 13.76 -5.17 12.65
N ASN B 96 14.99 -4.67 12.59
CA ASN B 96 15.40 -3.72 11.55
C ASN B 96 14.53 -2.46 11.58
N GLY B 97 13.98 -2.15 12.76
CA GLY B 97 13.13 -0.99 12.93
C GLY B 97 11.74 -1.13 12.36
N GLU B 98 11.36 -2.32 11.91
CA GLU B 98 10.11 -2.53 11.20
C GLU B 98 9.00 -2.93 12.16
N LEU B 99 7.89 -2.19 12.12
CA LEU B 99 6.72 -2.46 12.93
C LEU B 99 5.53 -2.63 12.00
N PHE B 100 4.89 -3.80 12.06
CA PHE B 100 3.76 -4.12 11.19
C PHE B 100 2.45 -3.92 11.94
N LEU B 101 1.42 -3.52 11.20
CA LEU B 101 0.07 -3.41 11.73
C LEU B 101 -0.86 -4.18 10.81
N GLU B 102 -1.56 -5.17 11.36
CA GLU B 102 -2.51 -5.98 10.61
C GLU B 102 -3.92 -5.57 11.00
N LEU B 103 -4.77 -5.38 9.99
CA LEU B 103 -6.14 -4.92 10.18
C LEU B 103 -7.08 -5.90 9.51
N SER B 104 -8.03 -6.45 10.28
CA SER B 104 -9.03 -7.37 9.76
C SER B 104 -10.42 -6.91 10.21
N MET B 105 -11.44 -7.48 9.58
CA MET B 105 -12.83 -7.13 9.88
C MET B 105 -13.64 -8.42 9.91
N PRO B 106 -13.56 -9.18 11.01
CA PRO B 106 -14.30 -10.46 11.07
C PRO B 106 -15.81 -10.29 10.95
N ALA B 107 -16.34 -9.13 11.32
CA ALA B 107 -17.76 -8.84 11.16
C ALA B 107 -17.93 -7.39 10.75
N ALA B 108 -19.07 -7.10 10.13
CA ALA B 108 -19.33 -5.77 9.60
C ALA B 108 -19.10 -4.71 10.68
N GLY B 109 -18.24 -3.74 10.37
CA GLY B 109 -17.95 -2.66 11.30
C GLY B 109 -17.19 -3.06 12.54
N ASP B 110 -16.72 -4.30 12.62
CA ASP B 110 -15.98 -4.79 13.79
C ASP B 110 -14.55 -5.08 13.35
N TYR B 111 -13.64 -4.17 13.69
CA TYR B 111 -12.26 -4.25 13.23
C TYR B 111 -11.36 -4.79 14.34
N ARG B 112 -10.36 -5.58 13.95
CA ARG B 112 -9.38 -6.13 14.86
C ARG B 112 -8.00 -5.72 14.38
N ILE B 113 -7.16 -5.27 15.32
CA ILE B 113 -5.82 -4.79 14.97
C ILE B 113 -4.79 -5.55 15.80
N GLY B 114 -3.69 -5.89 15.16
CA GLY B 114 -2.51 -6.36 15.87
C GLY B 114 -1.28 -5.66 15.34
N ILE B 115 -0.40 -5.29 16.26
CA ILE B 115 0.86 -4.63 15.93
C ILE B 115 1.98 -5.54 16.40
N TYR B 116 2.84 -5.97 15.46
CA TYR B 116 3.88 -6.92 15.81
CA TYR B 116 3.87 -6.98 15.72
C TYR B 116 5.19 -6.53 15.14
N ALA B 117 6.25 -7.19 15.59
CA ALA B 117 7.60 -7.05 15.05
C ALA B 117 8.29 -8.41 15.16
N TYR B 118 9.38 -8.58 14.43
CA TYR B 118 10.08 -9.86 14.32
C TYR B 118 11.32 -9.94 15.20
N ASP B 119 11.60 -11.15 15.67
CA ASP B 119 12.65 -11.48 16.61
C ASP B 119 13.99 -11.76 15.91
N GLN B 120 15.03 -11.98 16.73
CA GLN B 120 16.30 -12.48 16.21
C GLN B 120 16.09 -13.83 15.55
N ALA B 121 15.21 -14.64 16.12
CA ALA B 121 14.88 -15.97 15.61
C ALA B 121 13.88 -15.92 14.46
N ALA B 122 13.48 -14.73 14.02
CA ALA B 122 12.46 -14.54 13.00
C ALA B 122 11.05 -14.83 13.51
N GLN B 123 10.86 -14.88 14.82
CA GLN B 123 9.55 -15.12 15.41
C GLN B 123 8.78 -13.81 15.58
N LEU B 124 7.51 -13.81 15.20
CA LEU B 124 6.69 -12.63 15.36
C LEU B 124 6.40 -12.39 16.84
N GLN B 125 6.55 -11.14 17.27
CA GLN B 125 6.23 -10.73 18.63
C GLN B 125 5.12 -9.70 18.59
N LEU B 126 4.04 -9.96 19.32
CA LEU B 126 2.91 -9.04 19.37
C LEU B 126 3.20 -7.95 20.40
N HIS B 127 3.11 -6.70 19.96
CA HIS B 127 3.36 -5.55 20.82
C HIS B 127 2.09 -4.87 21.28
N CYS B 128 1.04 -4.89 20.47
CA CYS B 128 -0.20 -4.20 20.79
C CYS B 128 -1.35 -4.90 20.08
N GLN B 129 -2.49 -4.98 20.76
CA GLN B 129 -3.68 -5.64 20.25
C GLN B 129 -4.89 -4.82 20.64
N ALA B 130 -5.84 -4.68 19.73
CA ALA B 130 -7.04 -3.90 20.02
C ALA B 130 -8.13 -4.25 19.03
N ARG B 131 -9.31 -3.74 19.30
CA ARG B 131 -10.44 -3.81 18.39
C ARG B 131 -10.94 -2.39 18.19
N ALA B 132 -11.54 -2.14 17.02
CA ALA B 132 -11.97 -0.79 16.71
C ALA B 132 -13.36 -0.83 16.08
N SER B 133 -13.94 0.37 15.98
CA SER B 133 -15.24 0.57 15.37
C SER B 133 -15.38 2.06 15.11
N THR B 134 -16.50 2.43 14.50
CA THR B 134 -16.90 3.82 14.37
C THR B 134 -18.27 3.97 15.00
N ALA B 135 -18.52 5.13 15.60
CA ALA B 135 -19.81 5.35 16.26
C ALA B 135 -20.14 6.83 16.22
N GLU B 136 -21.43 7.12 16.23
CA GLU B 136 -21.90 8.46 16.52
C GLU B 136 -21.64 8.77 17.98
N VAL B 137 -21.07 9.94 18.26
CA VAL B 137 -20.76 10.31 19.63
C VAL B 137 -21.40 11.66 19.92
N GLN B 138 -21.63 11.90 21.20
CA GLN B 138 -22.28 13.10 21.70
C GLN B 138 -21.20 14.10 22.11
N ALA B 139 -21.37 15.35 21.70
CA ALA B 139 -20.40 16.38 22.06
C ALA B 139 -20.44 16.58 23.57
N ALA B 140 -19.27 16.80 24.16
CA ALA B 140 -19.16 17.12 25.58
C ALA B 140 -18.32 18.37 25.79
N TRP B 141 -18.39 18.90 27.02
CA TRP B 141 -17.67 20.11 27.39
C TRP B 141 -17.08 19.95 28.79
N LEU B 142 -16.00 20.69 29.03
CA LEU B 142 -15.22 20.58 30.26
C LEU B 142 -15.94 21.18 31.46
N ASP B 143 -16.19 20.34 32.49
CA ASP B 143 -16.87 20.77 33.73
C ASP B 143 -15.98 20.48 34.95
N PHE B 144 -15.00 21.36 35.21
CA PHE B 144 -14.02 21.19 36.28
C PHE B 144 -14.03 22.44 37.14
N SER B 145 -14.22 22.27 38.46
CA SER B 145 -14.14 23.38 39.39
C SER B 145 -12.76 23.39 40.05
N SER B 146 -12.05 24.51 39.91
CA SER B 146 -10.72 24.65 40.47
C SER B 146 -10.71 25.32 41.83
N LEU B 147 -11.86 25.78 42.31
CA LEU B 147 -11.93 26.41 43.63
C LEU B 147 -11.52 25.42 44.70
N GLY B 148 -10.47 25.77 45.46
CA GLY B 148 -9.89 24.89 46.45
C GLY B 148 -8.88 23.91 45.91
N ALA B 149 -8.58 23.95 44.61
CA ALA B 149 -7.65 23.00 44.01
C ALA B 149 -6.21 23.34 44.38
N GLN B 150 -5.35 22.32 44.30
CA GLN B 150 -3.93 22.45 44.60
C GLN B 150 -3.13 22.48 43.30
N VAL B 151 -2.21 23.43 43.20
CA VAL B 151 -1.29 23.50 42.06
C VAL B 151 -0.22 22.42 42.25
N VAL B 152 -0.08 21.54 41.26
CA VAL B 152 0.87 20.44 41.31
C VAL B 152 2.15 20.85 40.58
N ASP B 153 3.30 20.55 41.20
CA ASP B 153 4.59 20.86 40.61
C ASP B 153 4.88 19.88 39.48
N VAL B 154 4.91 20.39 38.24
CA VAL B 154 5.13 19.52 37.08
C VAL B 154 6.48 18.83 37.16
N GLU B 155 7.51 19.56 37.59
CA GLU B 155 8.84 18.96 37.69
C GLU B 155 8.87 17.85 38.72
N ALA B 156 8.06 17.94 39.78
CA ALA B 156 7.95 16.84 40.72
C ALA B 156 7.41 15.60 40.02
N CYS B 157 6.51 15.78 39.07
CA CYS B 157 5.97 14.64 38.33
C CYS B 157 7.05 14.00 37.46
N TYR B 158 7.81 14.81 36.73
CA TYR B 158 8.87 14.26 35.88
C TYR B 158 9.99 13.64 36.70
N GLN B 159 10.27 14.18 37.89
CA GLN B 159 11.27 13.55 38.75
C GLN B 159 10.81 12.19 39.25
N ARG B 160 9.51 12.04 39.51
CA ARG B 160 9.00 10.72 39.91
C ARG B 160 9.11 9.73 38.77
N PHE B 161 8.75 10.15 37.54
CA PHE B 161 8.95 9.29 36.38
C PHE B 161 10.41 8.88 36.24
N ALA B 162 11.32 9.85 36.37
CA ALA B 162 12.74 9.56 36.20
C ALA B 162 13.24 8.60 37.26
N ALA B 163 12.78 8.78 38.51
CA ALA B 163 13.14 7.85 39.57
C ALA B 163 12.61 6.45 39.28
N MET B 164 11.56 6.38 38.48
CA MET B 164 10.92 5.15 38.07
C MET B 164 11.58 4.52 36.85
N GLY B 165 12.45 5.26 36.17
CA GLY B 165 13.19 4.74 35.04
C GLY B 165 12.80 5.34 33.70
N ILE B 166 11.96 6.38 33.69
CA ILE B 166 11.44 6.96 32.46
C ILE B 166 11.98 8.38 32.33
N GLU B 167 12.67 8.65 31.22
CA GLU B 167 13.24 9.96 30.95
C GLU B 167 12.67 10.48 29.65
N TYR B 168 12.25 11.74 29.65
CA TYR B 168 11.61 12.35 28.48
C TYR B 168 12.49 13.45 27.90
N GLY B 169 12.60 13.46 26.57
CA GLY B 169 13.17 14.60 25.88
C GLY B 169 12.18 15.75 25.80
N ALA B 170 12.68 16.90 25.37
CA ALA B 170 11.87 18.12 25.37
C ALA B 170 10.58 17.93 24.58
N GLY B 171 10.64 17.22 23.46
CA GLY B 171 9.46 17.04 22.62
C GLY B 171 8.36 16.24 23.28
N HIS B 172 8.67 15.50 24.34
CA HIS B 172 7.66 14.75 25.08
C HIS B 172 7.51 15.26 26.52
N ARG B 173 8.10 16.40 26.84
CA ARG B 173 7.88 17.06 28.13
C ARG B 173 6.85 18.17 27.96
N ARG B 174 5.63 17.79 27.61
CA ARG B 174 4.60 18.73 27.19
C ARG B 174 3.61 19.08 28.28
N LEU B 175 3.80 18.57 29.51
CA LEU B 175 2.99 19.01 30.64
C LEU B 175 3.40 20.43 31.03
N LEU B 176 2.49 21.39 30.85
CA LEU B 176 2.76 22.78 31.18
C LEU B 176 2.23 23.19 32.54
N SER B 177 1.09 22.67 32.97
CA SER B 177 0.57 22.99 34.29
C SER B 177 -0.39 21.88 34.74
N LEU B 178 -0.54 21.79 36.06
CA LEU B 178 -1.38 20.78 36.70
C LEU B 178 -2.03 21.38 37.93
N VAL B 179 -3.33 21.10 38.10
CA VAL B 179 -4.02 21.41 39.34
C VAL B 179 -4.81 20.17 39.76
N ARG B 180 -4.83 19.91 41.06
CA ARG B 180 -5.46 18.71 41.59
C ARG B 180 -6.61 19.07 42.50
N GLN B 181 -7.72 18.35 42.34
CA GLN B 181 -8.91 18.48 43.19
C GLN B 181 -9.32 17.07 43.59
N GLY B 182 -8.85 16.63 44.76
CA GLY B 182 -9.15 15.29 45.22
C GLY B 182 -8.54 14.25 44.29
N ASP B 183 -9.37 13.32 43.83
CA ASP B 183 -8.95 12.28 42.89
C ASP B 183 -9.12 12.72 41.44
N GLN B 184 -9.25 14.01 41.20
CA GLN B 184 -9.38 14.56 39.85
C GLN B 184 -8.29 15.59 39.62
N ALA B 185 -7.88 15.74 38.36
CA ALA B 185 -6.84 16.70 38.01
C ALA B 185 -7.17 17.32 36.66
N LEU B 186 -6.67 18.53 36.46
CA LEU B 186 -6.81 19.26 35.20
C LEU B 186 -5.43 19.70 34.74
N ALA B 187 -5.07 19.30 33.53
CA ALA B 187 -3.75 19.57 32.98
C ALA B 187 -3.86 20.42 31.73
N ARG B 188 -2.82 21.20 31.48
CA ARG B 188 -2.67 21.94 30.24
C ARG B 188 -1.42 21.47 29.53
N ILE B 189 -1.56 21.09 28.27
CA ILE B 189 -0.47 20.55 27.47
C ILE B 189 -0.47 21.24 26.12
N ALA B 190 0.70 21.37 25.52
CA ALA B 190 0.80 21.98 24.21
C ALA B 190 2.15 21.63 23.59
N LEU B 191 2.16 21.53 22.26
CA LEU B 191 3.40 21.34 21.54
C LEU B 191 4.25 22.61 21.66
N GLN B 192 5.56 22.42 21.77
CA GLN B 192 6.45 23.58 21.76
C GLN B 192 6.40 24.30 20.43
N ASP B 193 6.26 23.56 19.34
CA ASP B 193 6.11 24.12 17.99
C ASP B 193 4.78 23.69 17.40
N PRO B 194 3.78 24.57 17.34
CA PRO B 194 2.47 24.16 16.77
C PRO B 194 2.58 23.55 15.38
N ALA B 195 3.53 23.99 14.56
CA ALA B 195 3.64 23.48 13.19
C ALA B 195 3.74 21.95 13.17
N LEU B 196 4.30 21.35 14.23
CA LEU B 196 4.46 19.91 14.27
C LEU B 196 3.14 19.16 14.37
N ASN B 197 2.03 19.85 14.62
CA ASN B 197 0.73 19.19 14.59
C ASN B 197 0.26 18.85 13.19
N SER B 198 0.93 19.37 12.16
CA SER B 198 0.54 19.09 10.78
C SER B 198 0.57 17.60 10.50
N GLY B 199 -0.52 17.08 9.94
CA GLY B 199 -0.61 15.68 9.59
C GLY B 199 -1.14 14.77 10.67
N PHE B 200 -1.39 15.29 11.87
CA PHE B 200 -1.88 14.49 12.99
C PHE B 200 -3.29 14.90 13.35
N ALA B 201 -4.21 13.93 13.42
CA ALA B 201 -5.48 14.17 14.08
C ALA B 201 -5.29 14.30 15.58
N LEU B 202 -4.39 13.49 16.15
CA LEU B 202 -3.98 13.60 17.54
C LEU B 202 -2.48 13.32 17.61
N HIS B 203 -1.71 14.32 18.01
CA HIS B 203 -0.26 14.18 18.00
C HIS B 203 0.19 13.21 19.10
N PRO B 204 1.12 12.29 18.80
CA PRO B 204 1.49 11.28 19.81
C PRO B 204 2.10 11.88 21.08
N ALA B 205 2.81 13.00 20.97
CA ALA B 205 3.42 13.62 22.14
C ALA B 205 2.35 14.21 23.05
N LEU B 206 1.26 14.75 22.48
CA LEU B 206 0.19 15.28 23.30
C LEU B 206 -0.59 14.16 23.98
N LEU B 207 -0.85 13.07 23.25
CA LEU B 207 -1.52 11.93 23.87
C LEU B 207 -0.65 11.34 24.97
N ASP B 208 0.67 11.28 24.75
CA ASP B 208 1.56 10.81 25.80
C ASP B 208 1.56 11.76 26.99
N ALA B 209 1.60 13.07 26.73
CA ALA B 209 1.56 14.05 27.82
C ALA B 209 0.26 13.95 28.61
N ALA B 210 -0.85 13.70 27.92
CA ALA B 210 -2.11 13.46 28.61
C ALA B 210 -1.96 12.31 29.60
N MET B 211 -1.30 11.23 29.17
CA MET B 211 -1.08 10.09 30.06
C MET B 211 -0.12 10.43 31.19
N GLN B 212 0.91 11.24 30.89
CA GLN B 212 1.83 11.67 31.94
C GLN B 212 1.09 12.33 33.09
N GLY B 213 -0.05 12.99 32.80
CA GLY B 213 -0.75 13.75 33.81
C GLY B 213 -1.26 12.94 34.98
N VAL B 214 -1.41 11.61 34.81
CA VAL B 214 -1.91 10.80 35.90
C VAL B 214 -0.98 10.87 37.11
N MET B 215 0.30 11.18 36.89
CA MET B 215 1.24 11.28 38.00
C MET B 215 0.80 12.32 39.01
N ALA B 216 0.06 13.33 38.57
CA ALA B 216 -0.46 14.33 39.51
C ALA B 216 -1.25 13.68 40.63
N LEU B 217 -1.97 12.61 40.32
CA LEU B 217 -2.81 11.93 41.30
C LEU B 217 -2.06 10.87 42.10
N LEU B 218 -0.78 10.62 41.78
CA LEU B 218 -0.04 9.53 42.39
C LEU B 218 1.18 9.98 43.19
N LEU B 219 1.53 11.27 43.16
CA LEU B 219 2.74 11.72 43.85
C LEU B 219 2.72 11.34 45.32
N ASP B 220 1.58 11.50 45.98
CA ASP B 220 1.51 11.19 47.41
C ASP B 220 1.54 9.69 47.65
N GLU B 221 0.85 8.93 46.80
CA GLU B 221 0.75 7.48 47.01
C GLU B 221 2.07 6.78 46.77
N LEU B 222 2.72 7.06 45.64
CA LEU B 222 3.94 6.36 45.30
C LEU B 222 5.07 6.81 46.21
N GLU B 223 6.03 5.92 46.41
CA GLU B 223 7.21 6.25 47.21
C GLU B 223 8.23 6.99 46.34
N GLU B 224 9.32 7.43 46.98
CA GLU B 224 10.31 8.22 46.27
C GLU B 224 10.85 7.47 45.06
N ARG B 225 11.11 6.17 45.20
CA ARG B 225 11.66 5.33 44.14
C ARG B 225 10.68 4.20 43.86
N PRO B 226 9.59 4.48 43.15
CA PRO B 226 8.57 3.47 42.91
C PRO B 226 9.00 2.48 41.81
N ALA B 227 8.28 1.37 41.76
CA ALA B 227 8.50 0.41 40.68
C ALA B 227 8.06 1.01 39.35
N LEU B 228 8.63 0.48 38.27
CA LEU B 228 8.32 0.99 36.94
C LEU B 228 6.86 0.71 36.59
N LEU B 229 6.13 1.75 36.20
CA LEU B 229 4.74 1.66 35.78
C LEU B 229 4.63 2.07 34.32
N LEU B 230 3.92 1.29 33.53
CA LEU B 230 3.71 1.58 32.13
C LEU B 230 2.25 1.33 31.77
N PRO B 231 1.72 2.06 30.80
CA PRO B 231 0.37 1.73 30.31
C PRO B 231 0.33 0.30 29.82
N ALA B 232 -0.67 -0.46 30.28
CA ALA B 232 -0.83 -1.86 29.92
C ALA B 232 -2.14 -2.16 29.22
N GLY B 233 -3.21 -1.43 29.52
CA GLY B 233 -4.48 -1.67 28.88
C GLY B 233 -5.28 -0.38 28.81
N LEU B 234 -6.22 -0.36 27.88
CA LEU B 234 -7.11 0.78 27.70
C LEU B 234 -8.49 0.27 27.32
N GLY B 235 -9.50 0.62 28.11
CA GLY B 235 -10.85 0.16 27.82
C GLY B 235 -11.38 0.71 26.52
N GLN B 236 -11.27 2.03 26.32
CA GLN B 236 -11.70 2.61 25.06
C GLN B 236 -10.97 3.93 24.85
N CYS B 237 -10.68 4.23 23.58
CA CYS B 237 -10.20 5.54 23.18
C CYS B 237 -11.12 6.06 22.09
N VAL B 238 -11.81 7.15 22.37
CA VAL B 238 -12.78 7.74 21.44
C VAL B 238 -12.19 9.04 20.91
N LEU B 239 -12.08 9.14 19.60
CA LEU B 239 -11.58 10.34 18.93
C LEU B 239 -12.76 11.08 18.33
N LEU B 240 -13.12 12.21 18.93
CA LEU B 240 -14.29 12.97 18.51
C LEU B 240 -13.99 13.93 17.37
N ALA B 241 -12.82 14.54 17.40
CA ALA B 241 -12.47 15.56 16.42
C ALA B 241 -10.96 15.72 16.44
N ASP B 242 -10.44 16.41 15.43
CA ASP B 242 -9.02 16.71 15.39
C ASP B 242 -8.62 17.50 16.62
N CYS B 243 -7.46 17.16 17.16
CA CYS B 243 -7.00 17.78 18.39
C CYS B 243 -6.04 18.93 18.07
N PRO B 244 -6.25 20.15 18.59
CA PRO B 244 -5.29 21.22 18.31
C PRO B 244 -3.95 20.98 18.98
N ALA B 245 -3.02 21.90 18.76
CA ALA B 245 -1.69 21.80 19.35
C ALA B 245 -1.66 22.17 20.83
N SER B 246 -2.75 22.72 21.36
CA SER B 246 -2.87 23.04 22.77
C SER B 246 -4.15 22.42 23.31
N LEU B 247 -4.05 21.78 24.47
CA LEU B 247 -5.14 20.97 24.99
C LEU B 247 -5.27 21.11 26.50
N GLN B 248 -6.48 20.89 26.98
CA GLN B 248 -6.75 20.65 28.39
C GLN B 248 -7.06 19.18 28.58
N VAL B 249 -6.58 18.59 29.68
CA VAL B 249 -6.78 17.18 29.97
C VAL B 249 -7.37 17.05 31.36
N GLN B 250 -8.59 16.52 31.44
CA GLN B 250 -9.21 16.20 32.72
C GLN B 250 -8.93 14.74 33.05
N ILE B 251 -8.43 14.49 34.26
CA ILE B 251 -8.00 13.16 34.66
C ILE B 251 -8.72 12.80 35.96
N ARG B 252 -9.20 11.56 36.03
CA ARG B 252 -9.91 11.10 37.22
C ARG B 252 -9.44 9.71 37.59
N ARG B 253 -9.06 9.53 38.85
CA ARG B 253 -8.70 8.21 39.34
C ARG B 253 -9.92 7.30 39.31
N ALA B 254 -9.71 6.06 38.89
CA ALA B 254 -10.76 5.07 38.82
C ALA B 254 -10.41 3.86 39.67
N PRO B 255 -11.40 3.07 40.09
CA PRO B 255 -11.09 1.86 40.87
C PRO B 255 -10.23 0.90 40.07
N SER B 256 -9.32 0.22 40.76
CA SER B 256 -8.45 -0.76 40.12
C SER B 256 -8.12 -1.86 41.11
N THR B 257 -7.85 -3.05 40.57
CA THR B 257 -7.30 -4.13 41.37
C THR B 257 -5.80 -3.94 41.52
N ALA B 258 -5.27 -4.37 42.67
CA ALA B 258 -3.84 -4.26 42.92
C ALA B 258 -3.11 -5.23 42.00
N PRO B 259 -1.85 -4.93 41.64
CA PRO B 259 -1.05 -3.77 42.03
C PRO B 259 -1.09 -2.65 40.99
N ASP B 260 -2.24 -2.45 40.37
CA ASP B 260 -2.37 -1.59 39.20
C ASP B 260 -3.07 -0.28 39.57
N TYR B 261 -3.03 0.64 38.61
CA TYR B 261 -3.68 1.94 38.71
C TYR B 261 -4.50 2.17 37.45
N CYS B 262 -5.67 2.78 37.62
CA CYS B 262 -6.60 2.98 36.51
C CYS B 262 -7.15 4.40 36.54
N PHE B 263 -7.32 4.99 35.35
CA PHE B 263 -7.77 6.36 35.22
C PHE B 263 -8.69 6.51 34.02
N ASP B 264 -9.55 7.51 34.08
CA ASP B 264 -10.27 8.01 32.92
C ASP B 264 -9.76 9.40 32.57
N LEU B 265 -9.61 9.66 31.27
CA LEU B 265 -9.09 10.92 30.79
C LEU B 265 -9.99 11.47 29.69
N ALA B 266 -10.03 12.80 29.59
CA ALA B 266 -10.74 13.48 28.51
C ALA B 266 -9.91 14.66 28.05
N LEU B 267 -9.77 14.80 26.73
CA LEU B 267 -8.97 15.86 26.13
C LEU B 267 -9.90 16.91 25.54
N PHE B 268 -9.63 18.17 25.87
CA PHE B 268 -10.45 19.30 25.44
C PHE B 268 -9.58 20.35 24.78
N ASP B 269 -10.17 21.09 23.85
CA ASP B 269 -9.46 22.24 23.32
C ASP B 269 -9.50 23.39 24.33
N ASP B 270 -8.79 24.47 24.01
CA ASP B 270 -8.69 25.59 24.93
C ASP B 270 -10.04 26.24 25.21
N GLN B 271 -11.06 25.97 24.40
CA GLN B 271 -12.40 26.50 24.62
C GLN B 271 -13.29 25.57 25.43
N GLY B 272 -12.79 24.38 25.79
CA GLY B 272 -13.56 23.43 26.57
C GLY B 272 -14.30 22.38 25.76
N GLN B 273 -14.07 22.32 24.45
CA GLN B 273 -14.74 21.33 23.61
C GLN B 273 -13.98 20.01 23.65
N CYS B 274 -14.68 18.93 23.96
CA CYS B 274 -14.04 17.63 24.08
C CYS B 274 -13.63 17.11 22.71
N CYS B 275 -12.36 16.68 22.60
CA CYS B 275 -11.83 16.15 21.36
CA CYS B 275 -11.83 16.14 21.36
C CYS B 275 -11.49 14.67 21.43
N ALA B 276 -11.22 14.13 22.62
CA ALA B 276 -10.91 12.72 22.74
C ALA B 276 -11.21 12.27 24.17
N ILE B 277 -11.50 10.99 24.31
CA ILE B 277 -11.85 10.38 25.59
C ILE B 277 -11.08 9.08 25.73
N LEU B 278 -10.45 8.88 26.89
CA LEU B 278 -9.79 7.62 27.25
C LEU B 278 -10.43 7.11 28.53
N ASN B 279 -11.10 5.97 28.45
CA ASN B 279 -11.77 5.36 29.60
C ASN B 279 -11.01 4.11 30.02
N GLN B 280 -10.72 4.00 31.31
CA GLN B 280 -10.10 2.82 31.90
C GLN B 280 -8.72 2.57 31.31
N LEU B 281 -7.85 3.58 31.48
CA LEU B 281 -6.44 3.47 31.13
C LEU B 281 -5.72 2.84 32.31
N SER B 282 -5.21 1.62 32.13
CA SER B 282 -4.61 0.85 33.21
C SER B 282 -3.09 0.92 33.15
N PHE B 283 -2.47 1.30 34.26
CA PHE B 283 -1.03 1.27 34.42
C PHE B 283 -0.65 0.09 35.30
N GLN B 284 0.40 -0.63 34.89
CA GLN B 284 0.80 -1.84 35.60
C GLN B 284 2.32 -1.90 35.72
N PRO B 285 2.83 -2.50 36.80
CA PRO B 285 4.28 -2.74 36.87
C PRO B 285 4.75 -3.56 35.67
N LEU B 286 5.85 -3.10 35.06
CA LEU B 286 6.32 -3.73 33.83
C LEU B 286 6.84 -5.14 34.09
N THR B 287 7.72 -5.30 35.08
CA THR B 287 8.17 -6.63 35.48
C THR B 287 7.27 -7.17 36.58
#